data_4OL9
#
_entry.id   4OL9
#
_cell.length_a   64.590
_cell.length_b   108.520
_cell.length_c   47.290
_cell.angle_alpha   90.000
_cell.angle_beta   90.000
_cell.angle_gamma   90.000
#
_symmetry.space_group_name_H-M   'P 21 21 2'
#
loop_
_entity.id
_entity.type
_entity.pdbx_description
1 polymer 'Putative 2-dehydropantoate 2-reductase'
2 non-polymer 'NADP NICOTINAMIDE-ADENINE-DINUCLEOTIDE PHOSPHATE'
3 non-polymer 'OXAMIC ACID'
4 non-polymer 'ACETATE ION'
5 non-polymer 'CHLORIDE ION'
6 non-polymer GLYCEROL
7 water water
#
_entity_poly.entity_id   1
_entity_poly.type   'polypeptide(L)'
_entity_poly.pdbx_seq_one_letter_code
;MAHHHHHHMIATGIALVGPGAVGTTVAALLHKAGYSPLLCGHTPRAGIELRRDGADPIVVPGPVHTSPREVAGPVDVLIL
AVKATQNDAARPWLTRLCDERTVVAVLQNGVEQVEQVQPHCPSSAVVPAIVWCSAETQPQGWVRLRGEAALVVPTGPAAE
QFAGLLRGAGATVDCDPDFTTAAWRKLLVNALAGFMVLSGRRSAMFRRDDVAALSRRYVAECLAVARAEGARLDDDVVDE
VVRLVRSAPQDMGTSMLADRAAHRPLEWDLRNGVIVRKARAHGLATPISDVLVPLLAAASDGPG
;
_entity_poly.pdbx_strand_id   A
#
loop_
_chem_comp.id
_chem_comp.type
_chem_comp.name
_chem_comp.formula
ACT non-polymer 'ACETATE ION' 'C2 H3 O2 -1'
CL non-polymer 'CHLORIDE ION' 'Cl -1'
GOL non-polymer GLYCEROL 'C3 H8 O3'
NAP non-polymer 'NADP NICOTINAMIDE-ADENINE-DINUCLEOTIDE PHOSPHATE' 'C21 H28 N7 O17 P3'
OXM non-polymer 'OXAMIC ACID' 'C2 H3 N O3'
#
# COMPACT_ATOMS: atom_id res chain seq x y z
N HIS A 8 -27.55 -12.85 -4.50
CA HIS A 8 -26.38 -12.03 -4.03
C HIS A 8 -26.73 -11.09 -2.88
N MET A 9 -27.94 -11.22 -2.31
CA MET A 9 -28.35 -10.38 -1.18
C MET A 9 -27.64 -10.79 0.11
N ILE A 10 -27.42 -12.10 0.29
CA ILE A 10 -26.76 -12.58 1.52
C ILE A 10 -25.27 -12.86 1.31
N ALA A 11 -24.92 -13.83 0.47
CA ALA A 11 -23.50 -14.14 0.23
C ALA A 11 -22.81 -12.94 -0.43
N THR A 12 -21.69 -12.53 0.11
CA THR A 12 -20.89 -11.44 -0.46
C THR A 12 -19.80 -12.04 -1.32
N GLY A 13 -19.80 -11.75 -2.63
CA GLY A 13 -18.73 -12.20 -3.54
C GLY A 13 -17.53 -11.26 -3.47
N ILE A 14 -16.39 -11.79 -3.06
CA ILE A 14 -15.19 -10.99 -2.87
C ILE A 14 -14.07 -11.56 -3.75
N ALA A 15 -13.39 -10.68 -4.48
CA ALA A 15 -12.17 -11.02 -5.20
C ALA A 15 -11.00 -10.24 -4.66
N LEU A 16 -9.88 -10.94 -4.51
CA LEU A 16 -8.60 -10.31 -4.17
C LEU A 16 -7.69 -10.37 -5.39
N VAL A 17 -7.37 -9.20 -5.93
CA VAL A 17 -6.48 -9.09 -7.07
C VAL A 17 -5.15 -8.59 -6.53
N GLY A 18 -4.13 -9.44 -6.59
CA GLY A 18 -2.85 -9.15 -6.00
C GLY A 18 -2.65 -9.83 -4.66
N PRO A 19 -2.42 -11.15 -4.67
CA PRO A 19 -2.27 -11.93 -3.45
C PRO A 19 -0.85 -11.95 -2.91
N GLY A 20 -0.35 -10.77 -2.57
CA GLY A 20 1.04 -10.57 -2.12
C GLY A 20 1.06 -10.34 -0.62
N ALA A 21 1.95 -9.47 -0.16
CA ALA A 21 2.14 -9.31 1.28
C ALA A 21 0.89 -8.73 1.91
N VAL A 22 0.42 -7.63 1.34
CA VAL A 22 -0.78 -6.95 1.87
C VAL A 22 -2.03 -7.79 1.53
N GLY A 23 -2.08 -8.29 0.31
CA GLY A 23 -3.22 -9.05 -0.14
C GLY A 23 -3.46 -10.29 0.69
N THR A 24 -2.38 -11.01 0.99
CA THR A 24 -2.47 -12.19 1.84
C THR A 24 -2.89 -11.81 3.27
N THR A 25 -2.36 -10.71 3.78
CA THR A 25 -2.75 -10.20 5.10
C THR A 25 -4.30 -10.04 5.17
N VAL A 26 -4.87 -9.39 4.17
CA VAL A 26 -6.32 -9.17 4.14
C VAL A 26 -7.11 -10.45 3.87
N ALA A 27 -6.67 -11.24 2.90
CA ALA A 27 -7.30 -12.54 2.60
C ALA A 27 -7.38 -13.46 3.82
N ALA A 28 -6.31 -13.49 4.60
CA ALA A 28 -6.27 -14.29 5.81
C ALA A 28 -7.34 -13.87 6.82
N LEU A 29 -7.51 -12.57 7.03
N LEU A 29 -7.48 -12.56 6.99
CA LEU A 29 -8.59 -12.10 7.93
CA LEU A 29 -8.51 -12.03 7.86
C LEU A 29 -9.94 -12.52 7.39
C LEU A 29 -9.90 -12.47 7.40
N LEU A 30 -10.15 -12.33 6.11
CA LEU A 30 -11.43 -12.71 5.51
C LEU A 30 -11.72 -14.21 5.63
N HIS A 31 -10.70 -15.01 5.38
CA HIS A 31 -10.81 -16.46 5.48
C HIS A 31 -11.14 -16.92 6.89
N LYS A 32 -10.44 -16.34 7.86
CA LYS A 32 -10.66 -16.70 9.27
C LYS A 32 -12.09 -16.31 9.70
N ALA A 33 -12.64 -15.25 9.11
CA ALA A 33 -14.03 -14.86 9.35
C ALA A 33 -15.05 -15.73 8.59
N GLY A 34 -14.57 -16.55 7.65
CA GLY A 34 -15.42 -17.52 6.95
C GLY A 34 -15.72 -17.21 5.50
N TYR A 35 -15.18 -16.11 4.97
CA TYR A 35 -15.36 -15.78 3.56
C TYR A 35 -14.43 -16.65 2.70
N SER A 36 -14.75 -16.75 1.41
CA SER A 36 -13.92 -17.50 0.44
C SER A 36 -13.50 -16.56 -0.70
N PRO A 37 -12.54 -15.68 -0.45
CA PRO A 37 -12.19 -14.74 -1.51
C PRO A 37 -11.58 -15.44 -2.72
N LEU A 38 -11.98 -14.98 -3.91
CA LEU A 38 -11.40 -15.43 -5.16
C LEU A 38 -10.01 -14.81 -5.31
N LEU A 39 -8.99 -15.65 -5.35
CA LEU A 39 -7.59 -15.18 -5.42
C LEU A 39 -7.17 -15.03 -6.88
N CYS A 40 -6.77 -13.80 -7.24
CA CYS A 40 -6.41 -13.45 -8.64
C CYS A 40 -5.01 -12.88 -8.68
N GLY A 41 -4.07 -13.62 -9.28
CA GLY A 41 -2.66 -13.29 -9.15
C GLY A 41 -1.86 -13.43 -10.44
N HIS A 42 -0.56 -13.47 -10.27
CA HIS A 42 0.41 -13.62 -11.35
C HIS A 42 1.14 -14.97 -11.30
N THR A 43 1.60 -15.39 -10.13
CA THR A 43 2.35 -16.64 -9.98
C THR A 43 1.41 -17.74 -9.43
N PRO A 44 1.27 -18.85 -10.16
CA PRO A 44 0.36 -19.88 -9.68
C PRO A 44 0.76 -20.37 -8.27
N ARG A 45 -0.24 -20.71 -7.47
CA ARG A 45 -0.01 -21.38 -6.19
C ARG A 45 -1.34 -21.98 -5.76
N ALA A 46 -1.29 -23.07 -4.99
CA ALA A 46 -2.52 -23.71 -4.50
C ALA A 46 -3.29 -22.91 -3.46
N GLY A 47 -2.60 -22.07 -2.73
CA GLY A 47 -3.19 -21.23 -1.68
C GLY A 47 -2.11 -20.26 -1.25
N ILE A 48 -2.41 -19.46 -0.22
CA ILE A 48 -1.49 -18.45 0.29
C ILE A 48 -1.51 -18.55 1.81
N GLU A 49 -0.40 -18.17 2.44
CA GLU A 49 -0.23 -18.38 3.88
C GLU A 49 0.25 -17.11 4.57
N LEU A 50 -0.45 -16.72 5.63
CA LEU A 50 -0.06 -15.61 6.50
C LEU A 50 0.41 -16.14 7.88
N ARG A 51 1.59 -15.70 8.33
CA ARG A 51 2.09 -15.95 9.66
C ARG A 51 2.33 -14.63 10.39
N ARG A 52 1.39 -14.25 11.24
CA ARG A 52 1.58 -13.10 12.12
C ARG A 52 2.49 -13.52 13.28
N ASP A 53 3.51 -12.71 13.59
CA ASP A 53 4.41 -13.04 14.70
C ASP A 53 3.58 -13.29 15.95
N GLY A 54 3.83 -14.40 16.61
CA GLY A 54 3.14 -14.72 17.85
C GLY A 54 1.82 -15.44 17.69
N ALA A 55 1.37 -15.67 16.45
CA ALA A 55 0.06 -16.26 16.17
C ALA A 55 0.24 -17.54 15.37
N ASP A 56 -0.82 -18.35 15.28
CA ASP A 56 -0.80 -19.54 14.42
C ASP A 56 -0.88 -19.11 12.94
N PRO A 57 -0.25 -19.87 12.04
CA PRO A 57 -0.41 -19.58 10.60
C PRO A 57 -1.83 -19.73 10.10
N ILE A 58 -2.21 -18.93 9.11
CA ILE A 58 -3.51 -19.04 8.46
C ILE A 58 -3.25 -19.37 7.00
N VAL A 59 -3.79 -20.49 6.53
CA VAL A 59 -3.65 -20.83 5.12
C VAL A 59 -4.98 -20.56 4.43
N VAL A 60 -4.95 -19.78 3.35
CA VAL A 60 -6.13 -19.42 2.60
C VAL A 60 -6.15 -20.25 1.33
N PRO A 61 -7.19 -21.09 1.13
CA PRO A 61 -7.17 -21.94 -0.04
C PRO A 61 -7.38 -21.16 -1.31
N GLY A 62 -6.71 -21.62 -2.36
CA GLY A 62 -6.81 -21.02 -3.66
C GLY A 62 -7.68 -21.91 -4.53
N PRO A 63 -7.25 -22.21 -5.76
CA PRO A 63 -5.97 -21.84 -6.34
C PRO A 63 -5.89 -20.34 -6.59
N VAL A 64 -4.67 -19.83 -6.72
CA VAL A 64 -4.46 -18.48 -7.25
C VAL A 64 -4.68 -18.59 -8.77
N HIS A 65 -5.73 -17.94 -9.25
CA HIS A 65 -6.04 -17.88 -10.66
C HIS A 65 -5.09 -16.87 -11.32
N THR A 66 -4.57 -17.20 -12.50
CA THR A 66 -3.62 -16.33 -13.17
C THR A 66 -4.06 -15.87 -14.56
N SER A 67 -5.24 -16.30 -15.01
CA SER A 67 -5.89 -15.75 -16.20
C SER A 67 -7.30 -15.30 -15.90
N PRO A 68 -7.65 -14.08 -16.32
CA PRO A 68 -9.03 -13.59 -16.16
C PRO A 68 -10.09 -14.48 -16.79
N ARG A 69 -9.74 -15.16 -17.87
CA ARG A 69 -10.65 -16.14 -18.50
C ARG A 69 -11.12 -17.26 -17.56
N GLU A 70 -10.35 -17.55 -16.51
CA GLU A 70 -10.69 -18.61 -15.55
C GLU A 70 -11.72 -18.19 -14.50
N VAL A 71 -12.13 -16.92 -14.48
CA VAL A 71 -13.04 -16.46 -13.44
C VAL A 71 -14.24 -15.76 -14.03
N ALA A 72 -15.27 -15.63 -13.22
CA ALA A 72 -16.56 -15.09 -13.63
C ALA A 72 -16.94 -13.97 -12.68
N GLY A 73 -17.39 -12.85 -13.25
CA GLY A 73 -17.85 -11.73 -12.45
C GLY A 73 -19.32 -11.54 -12.76
N PRO A 74 -19.92 -10.43 -12.30
CA PRO A 74 -19.31 -9.42 -11.43
C PRO A 74 -19.25 -9.85 -9.96
N VAL A 75 -18.38 -9.21 -9.19
CA VAL A 75 -18.29 -9.45 -7.77
C VAL A 75 -18.81 -8.24 -7.01
N ASP A 76 -19.08 -8.42 -5.72
CA ASP A 76 -19.58 -7.33 -4.88
C ASP A 76 -18.45 -6.42 -4.38
N VAL A 77 -17.31 -7.03 -4.04
CA VAL A 77 -16.18 -6.29 -3.54
C VAL A 77 -14.94 -6.82 -4.21
N LEU A 78 -14.17 -5.90 -4.80
CA LEU A 78 -12.87 -6.24 -5.36
C LEU A 78 -11.81 -5.50 -4.55
N ILE A 79 -10.89 -6.27 -3.98
CA ILE A 79 -9.78 -5.73 -3.18
C ILE A 79 -8.55 -5.78 -4.05
N LEU A 80 -8.07 -4.60 -4.43
CA LEU A 80 -6.86 -4.48 -5.27
C LEU A 80 -5.62 -4.19 -4.42
N ALA A 81 -4.69 -5.14 -4.42
CA ALA A 81 -3.48 -5.10 -3.62
C ALA A 81 -2.23 -5.42 -4.43
N VAL A 82 -2.30 -5.21 -5.75
CA VAL A 82 -1.08 -5.20 -6.56
C VAL A 82 -0.27 -3.96 -6.21
N LYS A 83 1.02 -3.98 -6.56
CA LYS A 83 1.84 -2.76 -6.49
C LYS A 83 1.34 -1.78 -7.58
N ALA A 84 1.53 -0.47 -7.37
CA ALA A 84 1.05 0.47 -8.38
C ALA A 84 1.78 0.32 -9.72
N THR A 85 2.98 -0.25 -9.69
CA THR A 85 3.72 -0.60 -10.90
C THR A 85 2.95 -1.65 -11.75
N GLN A 86 1.99 -2.34 -11.14
CA GLN A 86 1.29 -3.46 -11.76
C GLN A 86 -0.18 -3.11 -12.11
N ASN A 87 -0.60 -1.87 -11.83
CA ASN A 87 -1.97 -1.44 -12.10
C ASN A 87 -2.40 -1.62 -13.56
N ASP A 88 -1.51 -1.27 -14.47
CA ASP A 88 -1.82 -1.48 -15.89
C ASP A 88 -1.99 -2.97 -16.22
N ALA A 89 -1.09 -3.82 -15.71
CA ALA A 89 -1.19 -5.25 -16.01
C ALA A 89 -2.41 -5.91 -15.33
N ALA A 90 -2.88 -5.32 -14.25
CA ALA A 90 -4.04 -5.84 -13.51
C ALA A 90 -5.40 -5.45 -14.12
N ARG A 91 -5.39 -4.49 -15.05
CA ARG A 91 -6.61 -3.97 -15.64
C ARG A 91 -7.62 -5.03 -16.14
N PRO A 92 -7.14 -6.09 -16.83
CA PRO A 92 -8.10 -7.11 -17.32
C PRO A 92 -8.88 -7.82 -16.22
N TRP A 93 -8.30 -7.97 -15.03
CA TRP A 93 -9.07 -8.47 -13.87
C TRP A 93 -10.26 -7.55 -13.51
N LEU A 94 -10.00 -6.25 -13.47
CA LEU A 94 -11.07 -5.28 -13.19
C LEU A 94 -12.15 -5.25 -14.27
N THR A 95 -11.75 -5.30 -15.54
CA THR A 95 -12.73 -5.37 -16.61
C THR A 95 -13.59 -6.61 -16.49
N ARG A 96 -12.99 -7.74 -16.15
CA ARG A 96 -13.71 -8.99 -16.02
C ARG A 96 -14.67 -9.01 -14.81
N LEU A 97 -14.24 -8.44 -13.69
CA LEU A 97 -14.90 -8.69 -12.41
C LEU A 97 -15.76 -7.54 -11.90
N CYS A 98 -15.64 -6.34 -12.46
CA CYS A 98 -16.35 -5.17 -11.91
C CYS A 98 -17.55 -4.77 -12.74
N ASP A 99 -18.64 -4.43 -12.07
CA ASP A 99 -19.70 -3.70 -12.73
C ASP A 99 -20.04 -2.49 -11.85
N GLU A 100 -21.14 -1.83 -12.17
CA GLU A 100 -21.50 -0.62 -11.44
C GLU A 100 -21.88 -0.82 -9.98
N ARG A 101 -22.12 -2.05 -9.55
CA ARG A 101 -22.44 -2.30 -8.14
C ARG A 101 -21.23 -2.79 -7.35
N THR A 102 -20.11 -2.99 -8.04
CA THR A 102 -18.89 -3.47 -7.36
C THR A 102 -18.23 -2.35 -6.60
N VAL A 103 -17.84 -2.63 -5.35
CA VAL A 103 -16.98 -1.71 -4.60
C VAL A 103 -15.54 -2.17 -4.77
N VAL A 104 -14.69 -1.27 -5.28
CA VAL A 104 -13.27 -1.53 -5.56
C VAL A 104 -12.41 -0.82 -4.52
N ALA A 105 -11.75 -1.59 -3.65
CA ALA A 105 -10.85 -1.03 -2.62
C ALA A 105 -9.42 -1.10 -3.12
N VAL A 106 -8.71 0.03 -3.05
CA VAL A 106 -7.36 0.10 -3.58
C VAL A 106 -6.39 0.24 -2.42
N LEU A 107 -5.72 -0.86 -2.12
CA LEU A 107 -4.82 -0.95 -0.99
C LEU A 107 -3.40 -0.74 -1.53
N GLN A 108 -3.07 0.53 -1.73
CA GLN A 108 -1.77 0.92 -2.25
C GLN A 108 -1.27 2.12 -1.48
N ASN A 109 0.04 2.27 -1.42
CA ASN A 109 0.63 3.48 -0.88
C ASN A 109 0.45 4.66 -1.84
N GLY A 110 1.00 5.82 -1.47
CA GLY A 110 0.84 7.04 -2.25
C GLY A 110 -0.49 7.75 -2.01
N VAL A 111 -0.80 8.69 -2.88
CA VAL A 111 -1.96 9.57 -2.76
C VAL A 111 -2.71 9.67 -4.11
N GLU A 112 -2.54 8.68 -4.99
CA GLU A 112 -3.06 8.74 -6.34
C GLU A 112 -3.91 7.51 -6.69
N GLN A 113 -4.45 6.85 -5.67
CA GLN A 113 -5.22 5.59 -5.83
C GLN A 113 -6.42 5.73 -6.75
N VAL A 114 -7.27 6.71 -6.49
CA VAL A 114 -8.52 6.85 -7.25
C VAL A 114 -8.20 7.27 -8.67
N GLU A 115 -7.28 8.21 -8.80
CA GLU A 115 -6.90 8.73 -10.09
C GLU A 115 -6.35 7.63 -11.00
N GLN A 116 -5.57 6.72 -10.42
CA GLN A 116 -4.94 5.65 -11.17
C GLN A 116 -5.91 4.53 -11.54
N VAL A 117 -6.84 4.19 -10.64
CA VAL A 117 -7.64 2.99 -10.78
C VAL A 117 -9.05 3.24 -11.35
N GLN A 118 -9.66 4.36 -11.02
CA GLN A 118 -11.04 4.66 -11.47
C GLN A 118 -11.27 4.45 -12.99
N PRO A 119 -10.30 4.83 -13.83
CA PRO A 119 -10.56 4.59 -15.27
C PRO A 119 -10.62 3.11 -15.67
N HIS A 120 -10.13 2.20 -14.83
CA HIS A 120 -10.22 0.76 -15.11
C HIS A 120 -11.55 0.15 -14.69
N CYS A 121 -12.34 0.90 -13.93
CA CYS A 121 -13.65 0.47 -13.44
C CYS A 121 -14.53 1.72 -13.37
N PRO A 122 -14.80 2.31 -14.54
CA PRO A 122 -15.34 3.66 -14.62
C PRO A 122 -16.68 3.87 -13.98
N SER A 123 -17.50 2.82 -13.87
CA SER A 123 -18.79 2.93 -13.21
C SER A 123 -18.85 2.34 -11.78
N SER A 124 -17.70 1.95 -11.23
CA SER A 124 -17.66 1.38 -9.87
C SER A 124 -17.20 2.46 -8.87
N ALA A 125 -17.66 2.37 -7.64
CA ALA A 125 -17.17 3.20 -6.52
C ALA A 125 -15.80 2.71 -6.08
N VAL A 126 -14.82 3.61 -6.06
CA VAL A 126 -13.47 3.25 -5.67
C VAL A 126 -13.23 3.77 -4.26
N VAL A 127 -12.74 2.90 -3.39
CA VAL A 127 -12.40 3.24 -2.03
C VAL A 127 -10.88 3.18 -1.88
N PRO A 128 -10.21 4.34 -1.81
CA PRO A 128 -8.79 4.25 -1.50
C PRO A 128 -8.59 3.83 -0.05
N ALA A 129 -7.55 3.01 0.21
CA ALA A 129 -7.26 2.52 1.54
C ALA A 129 -5.77 2.66 1.88
N ILE A 130 -5.50 3.40 2.93
CA ILE A 130 -4.14 3.55 3.45
C ILE A 130 -3.90 2.39 4.39
N VAL A 131 -2.87 1.62 4.16
CA VAL A 131 -2.59 0.48 4.98
C VAL A 131 -1.34 0.73 5.82
N TRP A 132 -1.49 0.58 7.13
CA TRP A 132 -0.37 0.63 8.04
C TRP A 132 -0.08 -0.78 8.52
N CYS A 133 0.96 -1.40 7.98
CA CYS A 133 1.35 -2.73 8.44
C CYS A 133 2.78 -3.01 8.01
N SER A 134 3.34 -4.10 8.54
CA SER A 134 4.63 -4.61 8.10
C SER A 134 4.48 -6.07 7.67
N ALA A 135 4.31 -6.26 6.36
CA ALA A 135 4.14 -7.57 5.73
C ALA A 135 5.20 -7.84 4.67
N GLU A 136 5.77 -9.05 4.69
CA GLU A 136 6.90 -9.35 3.83
C GLU A 136 6.84 -10.82 3.42
N THR A 137 6.84 -11.08 2.13
CA THR A 137 6.87 -12.45 1.61
C THR A 137 8.24 -13.07 1.90
N GLN A 138 8.24 -14.29 2.44
CA GLN A 138 9.48 -14.97 2.81
C GLN A 138 9.91 -15.91 1.68
N PRO A 139 11.21 -16.24 1.62
CA PRO A 139 11.67 -17.18 0.59
C PRO A 139 10.92 -18.50 0.57
N GLN A 140 10.44 -18.91 1.74
CA GLN A 140 9.75 -20.16 1.90
C GLN A 140 8.33 -20.14 1.34
N GLY A 141 7.83 -18.95 0.98
CA GLY A 141 6.54 -18.85 0.28
C GLY A 141 5.41 -18.21 1.08
N TRP A 142 5.54 -18.14 2.39
CA TRP A 142 4.54 -17.54 3.27
C TRP A 142 4.86 -16.07 3.55
N VAL A 143 3.85 -15.34 3.98
CA VAL A 143 3.97 -13.91 4.29
C VAL A 143 4.08 -13.69 5.79
N ARG A 144 5.10 -12.94 6.19
CA ARG A 144 5.32 -12.58 7.59
C ARG A 144 4.66 -11.25 7.92
N LEU A 145 3.78 -11.24 8.92
CA LEU A 145 3.18 -10.01 9.39
C LEU A 145 3.69 -9.69 10.78
N ARG A 146 4.31 -8.53 10.94
CA ARG A 146 4.83 -8.11 12.26
C ARG A 146 3.90 -7.03 12.82
N GLY A 147 3.09 -7.40 13.81
CA GLY A 147 2.08 -6.47 14.38
C GLY A 147 0.73 -6.54 13.68
N GLU A 148 -0.26 -5.84 14.21
CA GLU A 148 -1.60 -5.81 13.61
C GLU A 148 -1.56 -4.86 12.42
N ALA A 149 -2.35 -5.14 11.41
CA ALA A 149 -2.54 -4.20 10.32
C ALA A 149 -3.64 -3.21 10.71
N ALA A 150 -3.53 -1.99 10.21
CA ALA A 150 -4.59 -1.01 10.40
C ALA A 150 -4.84 -0.35 9.05
N LEU A 151 -6.10 -0.08 8.73
CA LEU A 151 -6.45 0.59 7.48
C LEU A 151 -7.17 1.89 7.76
N VAL A 152 -6.97 2.85 6.86
CA VAL A 152 -7.73 4.10 6.89
C VAL A 152 -8.39 4.25 5.53
N VAL A 153 -9.69 4.51 5.57
CA VAL A 153 -10.47 4.77 4.36
C VAL A 153 -11.23 6.08 4.55
N PRO A 154 -11.85 6.60 3.47
CA PRO A 154 -12.69 7.80 3.64
C PRO A 154 -14.01 7.54 4.36
N THR A 155 -14.82 8.60 4.47
CA THR A 155 -16.19 8.49 4.92
C THR A 155 -17.06 8.42 3.65
N GLY A 156 -18.32 8.07 3.79
CA GLY A 156 -19.20 7.95 2.61
C GLY A 156 -19.62 6.51 2.42
N PRO A 157 -20.63 6.30 1.57
CA PRO A 157 -21.32 4.99 1.60
C PRO A 157 -20.41 3.82 1.21
N ALA A 158 -19.68 3.96 0.11
CA ALA A 158 -18.88 2.84 -0.36
C ALA A 158 -17.78 2.51 0.67
N ALA A 159 -17.14 3.54 1.19
CA ALA A 159 -16.07 3.38 2.17
C ALA A 159 -16.58 2.76 3.47
N GLU A 160 -17.77 3.17 3.89
CA GLU A 160 -18.38 2.63 5.09
C GLU A 160 -18.80 1.17 4.90
N GLN A 161 -19.25 0.80 3.69
CA GLN A 161 -19.58 -0.60 3.42
C GLN A 161 -18.31 -1.49 3.52
N PHE A 162 -17.25 -1.03 2.88
CA PHE A 162 -15.97 -1.71 2.93
C PHE A 162 -15.42 -1.82 4.34
N ALA A 163 -15.52 -0.73 5.12
CA ALA A 163 -15.06 -0.75 6.53
C ALA A 163 -15.91 -1.75 7.32
N GLY A 164 -17.22 -1.79 7.08
CA GLY A 164 -18.06 -2.79 7.74
C GLY A 164 -17.61 -4.22 7.50
N LEU A 165 -17.30 -4.51 6.25
CA LEU A 165 -16.86 -5.84 5.88
C LEU A 165 -15.56 -6.21 6.64
N LEU A 166 -14.59 -5.31 6.64
CA LEU A 166 -13.32 -5.61 7.27
C LEU A 166 -13.45 -5.64 8.80
N ARG A 167 -14.20 -4.70 9.36
CA ARG A 167 -14.39 -4.68 10.82
C ARG A 167 -15.13 -5.91 11.31
N GLY A 168 -16.11 -6.34 10.52
CA GLY A 168 -16.84 -7.56 10.79
C GLY A 168 -15.95 -8.77 10.82
N ALA A 169 -14.83 -8.71 10.09
CA ALA A 169 -13.88 -9.81 10.06
C ALA A 169 -12.72 -9.63 11.06
N GLY A 170 -12.79 -8.60 11.89
CA GLY A 170 -11.84 -8.39 12.96
C GLY A 170 -10.75 -7.36 12.67
N ALA A 171 -10.80 -6.68 11.54
CA ALA A 171 -9.76 -5.71 11.18
C ALA A 171 -9.94 -4.39 11.90
N THR A 172 -8.84 -3.67 12.07
CA THR A 172 -8.87 -2.30 12.58
C THR A 172 -8.95 -1.33 11.41
N VAL A 173 -10.04 -0.57 11.33
CA VAL A 173 -10.28 0.34 10.23
C VAL A 173 -10.77 1.65 10.79
N ASP A 174 -10.25 2.74 10.23
N ASP A 174 -10.23 2.74 10.27
CA ASP A 174 -10.68 4.08 10.57
CA ASP A 174 -10.74 4.05 10.60
C ASP A 174 -11.33 4.69 9.34
C ASP A 174 -11.34 4.69 9.35
N CYS A 175 -12.50 5.30 9.52
CA CYS A 175 -13.15 6.05 8.44
C CYS A 175 -12.88 7.53 8.74
N ASP A 176 -12.01 8.14 7.94
CA ASP A 176 -11.52 9.50 8.21
C ASP A 176 -12.19 10.52 7.29
N PRO A 177 -12.87 11.53 7.88
CA PRO A 177 -13.49 12.58 7.08
C PRO A 177 -12.49 13.50 6.40
N ASP A 178 -11.22 13.42 6.76
CA ASP A 178 -10.15 14.16 6.04
C ASP A 178 -9.15 13.14 5.51
N PHE A 179 -9.56 12.42 4.48
CA PHE A 179 -8.72 11.36 3.93
C PHE A 179 -7.43 11.92 3.31
N THR A 180 -7.51 13.12 2.72
CA THR A 180 -6.30 13.73 2.15
C THR A 180 -5.18 13.80 3.17
N THR A 181 -5.51 14.25 4.37
CA THR A 181 -4.50 14.32 5.43
C THR A 181 -3.98 12.94 5.82
N ALA A 182 -4.87 11.97 6.00
CA ALA A 182 -4.44 10.59 6.32
C ALA A 182 -3.49 10.01 5.27
N ALA A 183 -3.79 10.24 3.99
CA ALA A 183 -2.96 9.70 2.90
C ALA A 183 -1.56 10.34 2.86
N TRP A 184 -1.52 11.64 3.02
CA TRP A 184 -0.22 12.33 3.09
C TRP A 184 0.59 11.98 4.34
N ARG A 185 -0.09 11.71 5.47
CA ARG A 185 0.59 11.31 6.70
C ARG A 185 1.41 10.02 6.44
N LYS A 186 0.75 9.02 5.85
CA LYS A 186 1.43 7.80 5.47
C LYS A 186 2.52 8.03 4.43
N LEU A 187 2.24 8.91 3.46
CA LEU A 187 3.24 9.19 2.42
C LEU A 187 4.52 9.83 2.97
N LEU A 188 4.41 10.67 4.01
CA LEU A 188 5.64 11.20 4.62
C LEU A 188 6.55 10.06 5.13
N VAL A 189 5.93 9.05 5.73
CA VAL A 189 6.68 7.87 6.26
C VAL A 189 7.27 7.07 5.12
N ASN A 190 6.43 6.72 4.15
CA ASN A 190 6.88 5.93 3.00
C ASN A 190 7.94 6.59 2.12
N ALA A 191 7.82 7.91 1.93
CA ALA A 191 8.82 8.66 1.17
C ALA A 191 10.18 8.54 1.87
N LEU A 192 10.19 8.77 3.20
CA LEU A 192 11.43 8.73 3.95
C LEU A 192 12.07 7.34 3.89
N ALA A 193 11.23 6.32 3.92
CA ALA A 193 11.68 4.94 3.88
C ALA A 193 12.45 4.61 2.56
N GLY A 194 12.30 5.44 1.54
CA GLY A 194 13.11 5.36 0.33
C GLY A 194 14.62 5.41 0.53
N PHE A 195 15.07 6.08 1.61
CA PHE A 195 16.49 6.09 1.97
C PHE A 195 17.01 4.65 2.07
N MET A 196 16.18 3.74 2.59
CA MET A 196 16.58 2.33 2.77
C MET A 196 16.92 1.64 1.44
N VAL A 197 16.23 2.07 0.38
CA VAL A 197 16.43 1.50 -0.94
C VAL A 197 17.80 1.92 -1.51
N LEU A 198 18.19 3.17 -1.29
CA LEU A 198 19.47 3.66 -1.77
C LEU A 198 20.65 3.11 -0.95
N SER A 199 20.49 3.00 0.36
CA SER A 199 21.58 2.51 1.23
C SER A 199 21.63 1.00 1.30
N GLY A 200 20.50 0.34 0.96
CA GLY A 200 20.36 -1.09 1.11
C GLY A 200 20.42 -1.52 2.57
N ARG A 201 19.85 -0.71 3.46
CA ARG A 201 19.81 -1.02 4.88
C ARG A 201 18.40 -0.95 5.41
N ARG A 202 18.17 -1.67 6.49
CA ARG A 202 16.88 -1.66 7.17
C ARG A 202 16.73 -0.42 8.12
N SER A 203 15.64 -0.38 8.88
CA SER A 203 15.28 0.84 9.64
C SER A 203 16.31 1.36 10.64
N ALA A 204 17.20 0.51 11.16
CA ALA A 204 18.16 1.01 12.10
C ALA A 204 19.14 2.04 11.51
N MET A 205 19.24 2.15 10.18
CA MET A 205 20.07 3.22 9.58
C MET A 205 19.67 4.62 10.02
N PHE A 206 18.40 4.80 10.38
CA PHE A 206 17.90 6.10 10.78
C PHE A 206 18.35 6.49 12.20
N ARG A 207 18.95 5.53 12.93
CA ARG A 207 19.50 5.79 14.25
C ARG A 207 20.86 6.53 14.19
N ARG A 208 21.46 6.63 13.02
CA ARG A 208 22.67 7.41 12.83
C ARG A 208 22.33 8.91 12.90
N ASP A 209 23.21 9.71 13.47
CA ASP A 209 22.99 11.15 13.58
C ASP A 209 22.90 11.80 12.21
N ASP A 210 23.79 11.41 11.30
CA ASP A 210 23.86 12.05 9.99
C ASP A 210 22.60 11.76 9.16
N VAL A 211 22.18 10.50 9.16
CA VAL A 211 20.95 10.14 8.48
C VAL A 211 19.71 10.81 9.09
N ALA A 212 19.64 10.84 10.42
CA ALA A 212 18.49 11.45 11.08
C ALA A 212 18.39 12.95 10.76
N ALA A 213 19.51 13.65 10.68
CA ALA A 213 19.52 15.07 10.35
C ALA A 213 19.02 15.30 8.92
N LEU A 214 19.57 14.54 8.00
CA LEU A 214 19.10 14.57 6.63
C LEU A 214 17.59 14.23 6.52
N SER A 215 17.17 13.23 7.32
CA SER A 215 15.78 12.78 7.32
C SER A 215 14.84 13.90 7.71
N ARG A 216 15.21 14.67 8.74
CA ARG A 216 14.30 15.74 9.18
C ARG A 216 14.16 16.80 8.09
N ARG A 217 15.25 17.11 7.41
N ARG A 217 15.25 17.13 7.41
CA ARG A 217 15.21 18.08 6.30
CA ARG A 217 15.18 18.09 6.31
C ARG A 217 14.33 17.56 5.16
C ARG A 217 14.30 17.55 5.16
N TYR A 218 14.44 16.28 4.84
CA TYR A 218 13.61 15.69 3.75
C TYR A 218 12.11 15.68 4.10
N VAL A 219 11.79 15.27 5.32
CA VAL A 219 10.36 15.23 5.73
C VAL A 219 9.77 16.65 5.72
N ALA A 220 10.54 17.65 6.15
CA ALA A 220 10.09 19.03 6.07
C ALA A 220 9.81 19.48 4.61
N GLU A 221 10.67 19.07 3.68
CA GLU A 221 10.52 19.37 2.25
C GLU A 221 9.24 18.72 1.71
N CYS A 222 9.04 17.45 2.08
CA CYS A 222 7.80 16.74 1.72
C CYS A 222 6.54 17.36 2.36
N LEU A 223 6.66 17.80 3.60
CA LEU A 223 5.56 18.42 4.32
C LEU A 223 5.02 19.69 3.63
N ALA A 224 5.91 20.50 3.11
CA ALA A 224 5.50 21.72 2.41
C ALA A 224 4.59 21.39 1.21
N VAL A 225 4.95 20.33 0.49
CA VAL A 225 4.16 19.86 -0.64
C VAL A 225 2.82 19.29 -0.18
N ALA A 226 2.84 18.47 0.88
CA ALA A 226 1.63 17.88 1.45
C ALA A 226 0.66 18.96 1.80
N ARG A 227 1.14 20.03 2.43
CA ARG A 227 0.26 21.13 2.86
C ARG A 227 -0.36 21.89 1.67
N ALA A 228 0.43 22.12 0.65
CA ALA A 228 -0.07 22.78 -0.56
C ALA A 228 -1.17 21.95 -1.23
N GLU A 229 -1.11 20.64 -1.02
CA GLU A 229 -2.06 19.67 -1.57
C GLU A 229 -3.25 19.43 -0.63
N GLY A 230 -3.23 20.06 0.55
CA GLY A 230 -4.39 20.10 1.42
C GLY A 230 -4.24 19.35 2.73
N ALA A 231 -3.08 18.76 2.98
CA ALA A 231 -2.87 18.03 4.22
C ALA A 231 -2.82 18.98 5.43
N ARG A 232 -3.57 18.65 6.47
CA ARG A 232 -3.61 19.44 7.69
C ARG A 232 -2.75 18.76 8.78
N LEU A 233 -1.45 19.05 8.74
CA LEU A 233 -0.44 18.39 9.58
C LEU A 233 0.33 19.44 10.39
N ASP A 234 0.65 19.13 11.64
CA ASP A 234 1.41 20.05 12.50
C ASP A 234 2.92 19.98 12.22
N ASP A 235 3.65 21.02 12.57
CA ASP A 235 5.12 21.04 12.39
C ASP A 235 5.77 19.89 13.13
N ASP A 236 5.16 19.46 14.24
CA ASP A 236 5.68 18.35 15.07
C ASP A 236 5.83 17.06 14.29
N VAL A 237 5.10 16.94 13.18
CA VAL A 237 5.12 15.70 12.42
C VAL A 237 6.50 15.36 11.85
N VAL A 238 7.33 16.38 11.58
CA VAL A 238 8.64 16.16 10.99
C VAL A 238 9.47 15.27 11.91
N ASP A 239 9.66 15.71 13.14
CA ASP A 239 10.43 14.92 14.09
C ASP A 239 9.73 13.60 14.46
N GLU A 240 8.38 13.60 14.46
CA GLU A 240 7.62 12.38 14.78
C GLU A 240 7.88 11.27 13.77
N VAL A 241 7.90 11.62 12.50
CA VAL A 241 8.23 10.64 11.47
C VAL A 241 9.60 10.03 11.67
N VAL A 242 10.60 10.87 11.96
CA VAL A 242 11.94 10.37 12.17
C VAL A 242 12.05 9.49 13.42
N ARG A 243 11.37 9.88 14.52
CA ARG A 243 11.32 9.04 15.73
C ARG A 243 10.63 7.70 15.42
N LEU A 244 9.58 7.74 14.59
CA LEU A 244 8.88 6.51 14.25
C LEU A 244 9.79 5.48 13.57
N VAL A 245 10.53 5.89 12.55
N VAL A 245 10.53 5.90 12.55
CA VAL A 245 11.39 4.93 11.84
CA VAL A 245 11.37 4.92 11.86
C VAL A 245 12.57 4.48 12.72
C VAL A 245 12.56 4.48 12.71
N ARG A 246 13.08 5.37 13.57
CA ARG A 246 14.11 4.96 14.54
C ARG A 246 13.61 3.92 15.54
N SER A 247 12.33 4.00 15.89
CA SER A 247 11.74 3.11 16.91
C SER A 247 11.32 1.75 16.36
N ALA A 248 11.36 1.59 15.04
CA ALA A 248 11.00 0.32 14.44
C ALA A 248 12.08 -0.71 14.76
N PRO A 249 11.71 -2.01 14.79
CA PRO A 249 12.74 -3.05 14.92
C PRO A 249 13.86 -2.81 13.92
N GLN A 250 15.09 -3.07 14.37
CA GLN A 250 16.28 -2.69 13.62
C GLN A 250 16.32 -3.33 12.25
N ASP A 251 15.70 -4.51 12.11
CA ASP A 251 15.67 -5.23 10.84
C ASP A 251 14.38 -5.05 10.03
N MET A 252 13.55 -4.06 10.37
CA MET A 252 12.34 -3.78 9.60
C MET A 252 12.74 -3.04 8.32
N GLY A 253 12.25 -3.51 7.18
CA GLY A 253 12.56 -2.89 5.91
C GLY A 253 11.34 -2.18 5.40
N THR A 254 11.22 -2.09 4.10
CA THR A 254 10.07 -1.49 3.43
C THR A 254 9.86 -2.25 2.11
N SER A 255 8.63 -2.24 1.60
CA SER A 255 8.30 -3.07 0.42
C SER A 255 9.15 -2.69 -0.80
N MET A 256 9.51 -1.41 -0.90
CA MET A 256 10.31 -0.95 -2.03
C MET A 256 11.75 -1.49 -1.97
N LEU A 257 12.29 -1.68 -0.78
CA LEU A 257 13.61 -2.32 -0.61
C LEU A 257 13.54 -3.80 -0.97
N ALA A 258 12.47 -4.45 -0.55
CA ALA A 258 12.29 -5.84 -0.97
C ALA A 258 12.24 -5.98 -2.48
N ASP A 259 11.54 -5.06 -3.17
CA ASP A 259 11.51 -5.08 -4.63
C ASP A 259 12.91 -4.83 -5.21
N ARG A 260 13.66 -3.87 -4.65
CA ARG A 260 15.00 -3.62 -5.16
C ARG A 260 15.89 -4.86 -5.03
N ALA A 261 15.84 -5.53 -3.87
CA ALA A 261 16.62 -6.76 -3.63
C ALA A 261 16.22 -7.91 -4.56
N ALA A 262 14.94 -7.98 -4.95
CA ALA A 262 14.45 -8.96 -5.94
C ALA A 262 14.58 -8.50 -7.41
N HIS A 263 15.19 -7.34 -7.63
CA HIS A 263 15.34 -6.76 -8.98
C HIS A 263 13.98 -6.59 -9.70
N ARG A 264 12.99 -6.10 -8.96
CA ARG A 264 11.65 -5.85 -9.49
C ARG A 264 11.50 -4.32 -9.63
N PRO A 265 10.64 -3.87 -10.56
CA PRO A 265 10.35 -2.44 -10.64
C PRO A 265 9.88 -1.87 -9.31
N LEU A 266 10.28 -0.62 -9.02
CA LEU A 266 9.92 0.05 -7.78
C LEU A 266 8.79 1.05 -7.99
N GLU A 267 8.03 1.25 -6.90
CA GLU A 267 7.05 2.32 -6.77
C GLU A 267 7.72 3.68 -6.47
N TRP A 268 8.82 3.98 -7.16
CA TRP A 268 9.58 5.19 -6.89
C TRP A 268 8.77 6.44 -7.21
N ASP A 269 7.96 6.37 -8.27
CA ASP A 269 7.18 7.55 -8.65
C ASP A 269 5.99 7.77 -7.70
N LEU A 270 5.43 6.67 -7.22
CA LEU A 270 4.33 6.73 -6.26
C LEU A 270 4.74 7.29 -4.90
N ARG A 271 5.95 6.94 -4.47
CA ARG A 271 6.40 7.21 -3.12
C ARG A 271 7.32 8.42 -3.00
N ASN A 272 8.02 8.78 -4.09
CA ASN A 272 9.03 9.84 -4.03
C ASN A 272 8.91 10.81 -5.18
N GLY A 273 8.71 10.31 -6.40
CA GLY A 273 8.53 11.16 -7.58
C GLY A 273 7.36 12.10 -7.44
N VAL A 274 6.33 11.63 -6.72
CA VAL A 274 5.12 12.41 -6.48
C VAL A 274 5.41 13.74 -5.78
N ILE A 275 6.44 13.77 -4.94
CA ILE A 275 6.81 14.98 -4.20
C ILE A 275 7.25 16.09 -5.16
N VAL A 276 8.09 15.73 -6.12
CA VAL A 276 8.51 16.64 -7.18
C VAL A 276 7.35 17.06 -8.08
N ARG A 277 6.54 16.10 -8.52
CA ARG A 277 5.44 16.38 -9.43
C ARG A 277 4.42 17.30 -8.83
N LYS A 278 4.04 17.05 -7.57
CA LYS A 278 3.08 17.94 -6.91
C LYS A 278 3.66 19.29 -6.50
N ALA A 279 4.97 19.34 -6.23
CA ALA A 279 5.60 20.62 -5.85
C ALA A 279 5.52 21.66 -6.97
N ARG A 280 5.62 21.21 -8.21
CA ARG A 280 5.74 22.14 -9.34
C ARG A 280 4.56 23.13 -9.52
N ALA A 281 3.29 22.73 -9.42
CA ALA A 281 2.20 23.76 -9.52
C ALA A 281 2.24 24.83 -8.43
N HIS A 282 2.78 24.45 -7.27
CA HIS A 282 2.80 25.40 -6.17
C HIS A 282 4.06 26.23 -6.17
N GLY A 283 4.92 25.98 -7.16
CA GLY A 283 6.20 26.67 -7.23
C GLY A 283 7.11 26.34 -6.06
N LEU A 284 7.01 25.11 -5.53
CA LEU A 284 7.80 24.74 -4.37
C LEU A 284 9.11 24.07 -4.82
N ALA A 285 10.19 24.40 -4.14
CA ALA A 285 11.51 23.77 -4.38
C ALA A 285 11.62 22.47 -3.60
N THR A 286 12.27 21.49 -4.22
CA THR A 286 12.49 20.20 -3.63
C THR A 286 13.95 19.75 -3.86
N PRO A 287 14.93 20.47 -3.30
CA PRO A 287 16.31 20.13 -3.61
C PRO A 287 16.77 18.73 -3.18
N ILE A 288 16.28 18.22 -2.06
CA ILE A 288 16.67 16.88 -1.62
C ILE A 288 16.03 15.85 -2.55
N SER A 289 14.75 16.03 -2.89
CA SER A 289 14.09 15.13 -3.86
C SER A 289 14.78 15.14 -5.21
N ASP A 290 15.31 16.29 -5.60
CA ASP A 290 16.00 16.43 -6.90
C ASP A 290 17.25 15.53 -6.94
N VAL A 291 17.79 15.15 -5.77
CA VAL A 291 18.89 14.19 -5.69
C VAL A 291 18.37 12.75 -5.65
N LEU A 292 17.44 12.49 -4.75
CA LEU A 292 16.91 11.13 -4.48
C LEU A 292 16.15 10.53 -5.64
N VAL A 293 15.32 11.33 -6.31
CA VAL A 293 14.42 10.79 -7.30
C VAL A 293 15.15 10.21 -8.52
N PRO A 294 16.12 10.93 -9.10
CA PRO A 294 16.82 10.30 -10.25
C PRO A 294 17.56 9.03 -9.84
N LEU A 295 18.10 8.97 -8.63
CA LEU A 295 18.81 7.77 -8.17
C LEU A 295 17.83 6.59 -7.96
N LEU A 296 16.66 6.88 -7.41
CA LEU A 296 15.61 5.87 -7.26
C LEU A 296 15.08 5.39 -8.60
N ALA A 297 14.79 6.32 -9.51
CA ALA A 297 14.27 5.94 -10.83
C ALA A 297 15.28 5.07 -11.60
N ALA A 298 16.56 5.47 -11.57
CA ALA A 298 17.64 4.66 -12.16
C ALA A 298 17.75 3.28 -11.51
N ALA A 299 17.69 3.23 -10.19
CA ALA A 299 17.71 1.96 -9.46
C ALA A 299 16.61 1.01 -9.96
N SER A 300 15.42 1.56 -10.13
CA SER A 300 14.26 0.81 -10.55
C SER A 300 14.31 0.37 -12.01
N ASP A 301 14.60 1.31 -12.89
CA ASP A 301 14.31 1.17 -14.30
C ASP A 301 15.54 1.08 -15.21
N GLY A 302 16.72 1.31 -14.66
CA GLY A 302 17.94 1.29 -15.44
C GLY A 302 18.03 2.49 -16.37
N PRO A 303 18.91 2.43 -17.37
CA PRO A 303 19.77 1.29 -17.68
C PRO A 303 20.93 1.15 -16.70
N GLY A 304 21.82 0.22 -16.98
CA GLY A 304 22.88 -0.12 -16.03
C GLY A 304 22.53 -1.38 -15.25
PA NAP B . 3.62 -7.48 -3.26
O1A NAP B . 4.66 -7.33 -4.30
O2A NAP B . 3.92 -8.38 -2.08
O5B NAP B . 2.22 -8.00 -3.83
C5B NAP B . 1.72 -7.73 -5.15
C4B NAP B . 0.99 -8.98 -5.64
O4B NAP B . 0.39 -8.72 -6.92
C3B NAP B . 1.94 -10.17 -5.81
O3B NAP B . 1.37 -11.40 -5.35
C2B NAP B . 2.16 -10.17 -7.31
O2B NAP B . 2.66 -11.38 -7.87
C1B NAP B . 0.73 -9.83 -7.76
N9A NAP B . 0.61 -9.42 -9.16
C8A NAP B . 1.55 -8.85 -9.96
N7A NAP B . 1.05 -8.56 -11.18
C5A NAP B . -0.25 -8.95 -11.11
C6A NAP B . -1.39 -8.98 -12.03
N6A NAP B . -1.25 -8.50 -13.28
N1A NAP B . -2.58 -9.46 -11.58
C2A NAP B . -2.76 -9.92 -10.35
N3A NAP B . -1.76 -9.94 -9.46
C4A NAP B . -0.53 -9.49 -9.81
O3 NAP B . 3.26 -6.00 -2.80
PN NAP B . 2.76 -5.54 -1.33
O1N NAP B . 3.93 -5.35 -0.39
O2N NAP B . 1.59 -6.39 -0.96
O5D NAP B . 2.25 -4.06 -1.64
C5D NAP B . 0.98 -3.75 -2.24
C4D NAP B . 0.71 -2.29 -2.01
O4D NAP B . 0.60 -2.08 -0.58
C3D NAP B . 1.83 -1.40 -2.52
O3D NAP B . 1.26 -0.19 -3.05
C2D NAP B . 2.64 -1.11 -1.27
O2D NAP B . 3.40 0.11 -1.33
C1D NAP B . 1.56 -1.07 -0.22
N1N NAP B . 1.89 -1.40 1.15
C2N NAP B . 2.76 -2.44 1.46
C3N NAP B . 2.98 -2.77 2.79
C7N NAP B . 3.87 -3.91 3.25
O7N NAP B . 4.14 -4.03 4.41
N7N NAP B . 4.24 -4.84 2.36
C4N NAP B . 2.35 -2.04 3.79
C5N NAP B . 1.48 -1.00 3.45
C6N NAP B . 1.27 -0.70 2.11
P2B NAP B . 4.22 -11.48 -8.39
O1X NAP B . 5.06 -10.94 -7.23
O2X NAP B . 4.28 -12.99 -8.55
O3X NAP B . 4.29 -10.65 -9.64
C1 OXM C . 4.80 -0.11 4.02
N1 OXM C . 4.85 -0.74 5.20
O1 OXM C . 4.06 0.88 3.85
C2 OXM C . 5.67 -0.65 2.95
O2 OXM C . 6.45 -1.61 3.22
O3 OXM C . 5.63 -0.17 1.81
C ACT D . 0.72 -15.54 -5.37
O ACT D . 0.33 -14.38 -5.10
OXT ACT D . 0.59 -15.99 -6.51
CH3 ACT D . 1.39 -16.37 -4.32
CL CL E . -18.49 -0.79 10.98
C1 GOL F . 26.81 9.05 12.04
O1 GOL F . 26.29 10.36 12.23
C2 GOL F . 26.94 8.27 13.34
O2 GOL F . 25.78 8.38 14.21
C3 GOL F . 27.12 6.83 12.91
O3 GOL F . 28.02 6.13 13.76
#